data_6AYO
#
_entry.id   6AYO
#
_cell.length_a   37.357
_cell.length_b   90.082
_cell.length_c   67.374
_cell.angle_alpha   90.00
_cell.angle_beta   105.51
_cell.angle_gamma   90.00
#
_symmetry.space_group_name_H-M   'P 1 21 1'
#
loop_
_entity.id
_entity.type
_entity.pdbx_description
1 polymer "5'-methylthioadenosine/S-adenosylhomocysteine nucleosidase"
2 non-polymer (3R,4S)-1-[(4-amino-5H-pyrrolo[3,2-d]pyrimidin-7-yl)methyl]-4-propylpyrrolidin-3-ol
3 non-polymer 1,2-ETHANEDIOL
4 non-polymer 2-[BIS-(2-HYDROXY-ETHYL)-AMINO]-2-HYDROXYMETHYL-PROPANE-1,3-DIOL
5 water water
#
_entity_poly.entity_id   1
_entity_poly.type   'polypeptide(L)'
_entity_poly.pdbx_seq_one_letter_code
;MGHHHHHHSGMKIAILGAMSEEITPLLETLKDYTKIEHANNTYYFAKYKDHELVLAYSKIGKVNSTLSASVMIEKFGAQV
LLFTGVAGAFNPELEIGDLLYATKLAQYDLDITAFGHPLGFVPGNEIFIKTDEKLNNLALEVAKELNIKLRAGIIATGDE
FICDEAKKAKIREIFNADACEMEGASVALVCDALKVPCFILRAMSDKAGEKAEFDFDEFVINSAKISANFVLKMCEKL
;
_entity_poly.pdbx_strand_id   A,B
#
# COMPACT_ATOMS: atom_id res chain seq x y z
N GLY A 10 0.89 26.26 -16.00
CA GLY A 10 0.72 24.80 -16.29
C GLY A 10 0.45 23.97 -15.04
N MET A 11 -0.06 22.76 -15.24
CA MET A 11 -0.32 21.84 -14.13
C MET A 11 0.97 21.27 -13.56
N LYS A 12 0.95 20.94 -12.28
CA LYS A 12 2.10 20.32 -11.60
C LYS A 12 2.03 18.83 -11.87
N ILE A 13 3.13 18.25 -12.37
CA ILE A 13 3.12 16.87 -12.87
C ILE A 13 4.01 16.00 -11.98
N ALA A 14 3.48 14.88 -11.51
CA ALA A 14 4.29 13.88 -10.81
C ALA A 14 4.70 12.81 -11.82
N ILE A 15 5.98 12.42 -11.78
CA ILE A 15 6.46 11.28 -12.56
C ILE A 15 7.06 10.29 -11.55
N LEU A 16 6.50 9.10 -11.51
CA LEU A 16 6.85 8.10 -10.50
C LEU A 16 7.29 6.80 -11.16
N GLY A 17 8.38 6.23 -10.65
CA GLY A 17 8.81 4.87 -10.98
C GLY A 17 8.98 4.10 -9.68
N ALA A 18 9.30 2.80 -9.78
CA ALA A 18 9.54 1.98 -8.60
C ALA A 18 11.03 1.90 -8.23
N MET A 19 11.90 1.84 -9.25
CA MET A 19 13.33 1.63 -9.05
C MET A 19 14.14 2.80 -9.62
N SER A 20 15.37 2.93 -9.14
CA SER A 20 16.32 3.92 -9.65
C SER A 20 16.46 3.89 -11.17
N GLU A 21 16.54 2.68 -11.73
CA GLU A 21 16.67 2.48 -13.18
C GLU A 21 15.53 3.10 -13.99
N GLU A 22 14.35 3.21 -13.39
CA GLU A 22 13.17 3.73 -14.07
C GLU A 22 13.09 5.26 -14.07
N ILE A 23 13.76 5.92 -13.13
CA ILE A 23 13.69 7.38 -12.98
C ILE A 23 15.02 8.10 -13.27
N THR A 24 16.15 7.46 -13.00
CA THR A 24 17.47 8.07 -13.27
C THR A 24 17.64 8.59 -14.72
N PRO A 25 17.13 7.86 -15.75
CA PRO A 25 17.19 8.42 -17.11
C PRO A 25 16.52 9.79 -17.27
N LEU A 26 15.41 10.03 -16.57
CA LEU A 26 14.75 11.33 -16.57
C LEU A 26 15.61 12.39 -15.88
N LEU A 27 16.19 12.04 -14.73
CA LEU A 27 17.06 12.97 -14.00
C LEU A 27 18.27 13.40 -14.83
N GLU A 28 18.87 12.45 -15.54
CA GLU A 28 19.99 12.73 -16.43
C GLU A 28 19.61 13.62 -17.62
N THR A 29 18.41 13.43 -18.16
CA THR A 29 17.87 14.28 -19.22
C THR A 29 17.58 15.70 -18.73
N LEU A 30 16.98 15.79 -17.53
CA LEU A 30 16.66 17.08 -16.92
C LEU A 30 17.88 17.88 -16.49
N LYS A 31 18.92 17.17 -16.02
CA LYS A 31 20.22 17.75 -15.63
C LYS A 31 20.16 18.58 -14.33
N ASP A 32 19.29 19.58 -14.29
CA ASP A 32 19.13 20.50 -13.16
C ASP A 32 17.86 20.19 -12.37
N TYR A 33 18.03 19.99 -11.06
CA TYR A 33 16.91 19.72 -10.16
C TYR A 33 17.31 19.90 -8.70
N THR A 34 16.30 20.03 -7.84
CA THR A 34 16.46 20.14 -6.39
C THR A 34 15.97 18.85 -5.72
N LYS A 35 16.77 18.33 -4.79
CA LYS A 35 16.46 17.09 -4.06
C LYS A 35 15.95 17.42 -2.68
N ILE A 36 14.85 16.77 -2.27
CA ILE A 36 14.28 16.97 -0.94
C ILE A 36 14.07 15.60 -0.29
N GLU A 37 14.61 15.43 0.91
CA GLU A 37 14.41 14.22 1.71
C GLU A 37 13.05 14.27 2.38
N HIS A 38 12.23 13.24 2.13
CA HIS A 38 10.90 13.14 2.75
C HIS A 38 10.40 11.71 2.63
N ALA A 39 9.65 11.26 3.64
CA ALA A 39 9.04 9.92 3.64
C ALA A 39 10.08 8.81 3.38
N ASN A 40 11.23 8.94 4.04
CA ASN A 40 12.34 8.01 3.91
C ASN A 40 12.73 7.75 2.45
N ASN A 41 12.85 8.84 1.70
CA ASN A 41 13.07 8.76 0.25
C ASN A 41 13.53 10.13 -0.22
N THR A 42 13.88 10.26 -1.49
CA THR A 42 14.20 11.54 -2.10
C THR A 42 13.18 11.89 -3.17
N TYR A 43 12.70 13.13 -3.12
CA TYR A 43 11.78 13.66 -4.13
C TYR A 43 12.52 14.77 -4.88
N TYR A 44 12.46 14.69 -6.21
CA TYR A 44 13.22 15.56 -7.11
C TYR A 44 12.29 16.57 -7.74
N PHE A 45 12.73 17.82 -7.81
CA PHE A 45 11.90 18.91 -8.33
C PHE A 45 12.65 19.61 -9.45
N ALA A 46 11.99 19.70 -10.60
CA ALA A 46 12.61 20.20 -11.81
C ALA A 46 11.59 20.96 -12.65
N LYS A 47 12.13 21.83 -13.51
CA LYS A 47 11.39 22.49 -14.57
C LYS A 47 11.79 21.82 -15.87
N TYR A 48 10.81 21.32 -16.62
CA TYR A 48 11.03 20.76 -17.95
C TYR A 48 10.18 21.49 -18.96
N LYS A 49 10.82 22.24 -19.87
CA LYS A 49 10.12 23.05 -20.86
C LYS A 49 8.95 23.82 -20.22
N ASP A 50 9.27 24.50 -19.14
CA ASP A 50 8.34 25.29 -18.33
C ASP A 50 7.15 24.55 -17.68
N HIS A 51 7.33 23.26 -17.40
CA HIS A 51 6.40 22.48 -16.59
C HIS A 51 7.08 22.12 -15.28
N GLU A 52 6.37 22.33 -14.16
CA GLU A 52 6.87 21.97 -12.84
C GLU A 52 6.67 20.47 -12.64
N LEU A 53 7.78 19.75 -12.42
CA LEU A 53 7.75 18.30 -12.21
C LEU A 53 8.14 17.97 -10.77
N VAL A 54 7.54 16.90 -10.23
CA VAL A 54 8.07 16.21 -9.05
C VAL A 54 8.30 14.76 -9.46
N LEU A 55 9.50 14.25 -9.18
CA LEU A 55 9.89 12.89 -9.57
C LEU A 55 10.40 12.12 -8.37
N ALA A 56 10.22 10.80 -8.43
CA ALA A 56 10.73 9.91 -7.40
C ALA A 56 10.68 8.50 -7.91
N TYR A 57 11.52 7.65 -7.35
CA TYR A 57 11.28 6.21 -7.39
C TYR A 57 10.85 5.81 -5.98
N SER A 58 9.80 5.00 -5.91
CA SER A 58 9.12 4.70 -4.67
C SER A 58 9.80 3.64 -3.81
N LYS A 59 10.66 2.83 -4.45
CA LYS A 59 11.08 1.51 -3.98
C LYS A 59 9.98 0.51 -4.29
N ILE A 60 10.34 -0.76 -4.29
CA ILE A 60 9.51 -1.81 -4.91
C ILE A 60 8.25 -2.10 -4.10
N GLY A 61 7.14 -2.30 -4.80
CA GLY A 61 5.95 -2.92 -4.22
C GLY A 61 4.78 -1.98 -3.93
N LYS A 62 3.67 -2.58 -3.51
CA LYS A 62 2.41 -1.85 -3.39
C LYS A 62 2.42 -0.79 -2.30
N VAL A 63 2.96 -1.12 -1.13
CA VAL A 63 2.97 -0.18 0.00
C VAL A 63 3.86 1.02 -0.35
N ASN A 64 5.08 0.75 -0.81
CA ASN A 64 6.01 1.83 -1.16
C ASN A 64 5.45 2.78 -2.22
N SER A 65 4.85 2.21 -3.27
CA SER A 65 4.30 3.01 -4.37
C SER A 65 3.04 3.79 -3.94
N THR A 66 2.22 3.19 -3.10
CA THR A 66 1.05 3.88 -2.51
C THR A 66 1.50 5.11 -1.71
N LEU A 67 2.53 4.92 -0.88
CA LEU A 67 3.07 6.02 -0.08
C LEU A 67 3.59 7.16 -0.96
N SER A 68 4.40 6.83 -1.97
CA SER A 68 4.97 7.87 -2.85
C SER A 68 3.91 8.65 -3.62
N ALA A 69 2.94 7.94 -4.19
CA ALA A 69 1.82 8.60 -4.88
C ALA A 69 1.07 9.53 -3.93
N SER A 70 0.79 9.04 -2.71
CA SER A 70 0.11 9.85 -1.70
CA SER A 70 0.11 9.84 -1.69
C SER A 70 0.89 11.09 -1.31
N VAL A 71 2.21 10.94 -1.15
CA VAL A 71 3.10 12.07 -0.83
C VAL A 71 3.13 13.10 -1.95
N MET A 72 3.28 12.63 -3.18
CA MET A 72 3.35 13.52 -4.34
C MET A 72 2.10 14.39 -4.50
N ILE A 73 0.94 13.81 -4.19
CA ILE A 73 -0.34 14.51 -4.29
C ILE A 73 -0.65 15.29 -3.00
N GLU A 74 -0.70 14.60 -1.86
CA GLU A 74 -1.15 15.23 -0.60
C GLU A 74 -0.16 16.25 -0.01
N LYS A 75 1.13 15.95 -0.08
CA LYS A 75 2.16 16.86 0.41
C LYS A 75 2.57 17.86 -0.68
N PHE A 76 2.98 17.35 -1.84
CA PHE A 76 3.58 18.22 -2.86
C PHE A 76 2.62 18.79 -3.91
N GLY A 77 1.34 18.42 -3.85
CA GLY A 77 0.31 19.04 -4.69
C GLY A 77 0.30 18.69 -6.16
N ALA A 78 0.82 17.53 -6.53
CA ALA A 78 0.77 17.07 -7.92
C ALA A 78 -0.68 16.99 -8.40
N GLN A 79 -0.92 17.49 -9.61
CA GLN A 79 -2.26 17.54 -10.21
C GLN A 79 -2.49 16.49 -11.30
N VAL A 80 -1.41 15.88 -11.77
CA VAL A 80 -1.44 14.76 -12.71
C VAL A 80 -0.27 13.86 -12.32
N LEU A 81 -0.45 12.55 -12.49
CA LEU A 81 0.61 11.59 -12.18
C LEU A 81 0.83 10.63 -13.35
N LEU A 82 2.08 10.57 -13.80
CA LEU A 82 2.48 9.65 -14.86
C LEU A 82 3.40 8.62 -14.22
N PHE A 83 3.04 7.34 -14.30
CA PHE A 83 3.91 6.27 -13.82
C PHE A 83 4.68 5.67 -14.99
N THR A 84 5.99 5.48 -14.80
CA THR A 84 6.88 4.94 -15.81
C THR A 84 7.72 3.82 -15.22
N GLY A 85 7.83 2.72 -15.95
CA GLY A 85 8.72 1.65 -15.55
C GLY A 85 8.65 0.46 -16.48
N VAL A 86 8.98 -0.70 -15.94
CA VAL A 86 9.00 -1.94 -16.70
C VAL A 86 7.96 -2.93 -16.14
N ALA A 87 7.72 -4.01 -16.88
CA ALA A 87 6.74 -5.01 -16.47
C ALA A 87 7.04 -6.37 -17.09
N GLY A 88 6.36 -7.38 -16.55
CA GLY A 88 6.43 -8.74 -17.08
C GLY A 88 5.28 -9.00 -18.03
N ALA A 89 5.60 -9.43 -19.26
CA ALA A 89 4.59 -9.62 -20.30
C ALA A 89 3.83 -10.93 -20.14
N PHE A 90 2.50 -10.84 -20.23
CA PHE A 90 1.59 -12.00 -20.24
C PHE A 90 1.01 -12.27 -21.64
N ASN A 91 0.61 -11.19 -22.33
CA ASN A 91 0.04 -11.31 -23.68
C ASN A 91 1.15 -11.79 -24.62
N PRO A 92 0.92 -12.92 -25.33
CA PRO A 92 1.99 -13.46 -26.18
C PRO A 92 2.42 -12.58 -27.37
N GLU A 93 1.58 -11.61 -27.74
CA GLU A 93 1.95 -10.62 -28.76
C GLU A 93 2.98 -9.59 -28.28
N LEU A 94 3.14 -9.43 -26.97
CA LEU A 94 4.13 -8.50 -26.41
C LEU A 94 5.53 -9.09 -26.45
N GLU A 95 6.47 -8.31 -26.98
CA GLU A 95 7.89 -8.67 -26.93
C GLU A 95 8.61 -7.75 -25.96
N ILE A 96 9.81 -8.17 -25.58
CA ILE A 96 10.64 -7.38 -24.68
C ILE A 96 10.93 -6.02 -25.33
N GLY A 97 10.76 -4.95 -24.55
CA GLY A 97 10.88 -3.58 -25.04
C GLY A 97 9.58 -2.90 -25.47
N ASP A 98 8.51 -3.69 -25.68
CA ASP A 98 7.23 -3.14 -26.11
C ASP A 98 6.56 -2.31 -25.01
N LEU A 99 5.91 -1.22 -25.42
CA LEU A 99 5.20 -0.34 -24.50
C LEU A 99 3.73 -0.72 -24.38
N LEU A 100 3.26 -0.76 -23.14
CA LEU A 100 1.88 -1.04 -22.82
C LEU A 100 1.40 0.01 -21.83
N TYR A 101 0.29 0.67 -22.11
CA TYR A 101 -0.37 1.49 -21.08
C TYR A 101 -1.58 0.74 -20.55
N ALA A 102 -1.87 0.93 -19.28
CA ALA A 102 -2.95 0.23 -18.61
C ALA A 102 -4.26 0.99 -18.78
N THR A 103 -5.28 0.33 -19.31
CA THR A 103 -6.65 0.91 -19.32
C THR A 103 -7.29 0.72 -17.95
N LYS A 104 -7.05 -0.44 -17.35
CA LYS A 104 -7.45 -0.69 -15.96
C LYS A 104 -6.50 -1.68 -15.30
N LEU A 105 -6.54 -1.73 -13.97
CA LEU A 105 -5.63 -2.55 -13.19
C LEU A 105 -6.34 -3.19 -12.01
N ALA A 106 -5.86 -4.36 -11.59
CA ALA A 106 -6.37 -5.06 -10.42
C ALA A 106 -5.21 -5.55 -9.56
N GLN A 107 -5.50 -5.80 -8.28
CA GLN A 107 -4.56 -6.43 -7.36
C GLN A 107 -4.87 -7.91 -7.28
N TYR A 108 -4.05 -8.73 -7.95
CA TYR A 108 -4.29 -10.18 -8.00
C TYR A 108 -4.06 -10.89 -6.66
N ASP A 109 -3.34 -10.26 -5.72
CA ASP A 109 -3.00 -10.87 -4.44
C ASP A 109 -3.79 -10.30 -3.25
N LEU A 110 -4.85 -9.54 -3.55
CA LEU A 110 -5.75 -9.02 -2.52
C LEU A 110 -6.89 -10.03 -2.43
N ASP A 111 -6.91 -10.79 -1.34
CA ASP A 111 -7.67 -12.04 -1.27
C ASP A 111 -8.42 -12.18 0.05
N ILE A 112 -9.72 -11.87 0.01
CA ILE A 112 -10.66 -12.22 1.07
C ILE A 112 -11.73 -13.13 0.48
N THR A 113 -11.31 -14.02 -0.42
CA THR A 113 -12.22 -14.93 -1.11
C THR A 113 -12.87 -15.96 -0.18
N ALA A 114 -12.28 -16.18 1.01
CA ALA A 114 -12.90 -17.01 2.06
C ALA A 114 -14.32 -16.57 2.47
N PHE A 115 -14.61 -15.27 2.33
CA PHE A 115 -15.93 -14.72 2.63
C PHE A 115 -16.84 -14.60 1.41
N GLY A 116 -16.44 -15.18 0.27
CA GLY A 116 -17.26 -15.23 -0.94
C GLY A 116 -16.97 -14.16 -1.98
N HIS A 117 -16.08 -13.22 -1.66
CA HIS A 117 -15.78 -12.10 -2.57
C HIS A 117 -14.94 -12.60 -3.74
N PRO A 118 -15.05 -11.94 -4.92
CA PRO A 118 -14.10 -12.22 -6.01
C PRO A 118 -12.67 -11.90 -5.61
N LEU A 119 -11.70 -12.60 -6.20
CA LEU A 119 -10.29 -12.28 -6.00
C LEU A 119 -10.03 -10.83 -6.43
N GLY A 120 -9.28 -10.09 -5.60
CA GLY A 120 -8.98 -8.69 -5.87
C GLY A 120 -9.97 -7.69 -5.30
N PHE A 121 -11.08 -8.17 -4.74
CA PHE A 121 -12.14 -7.29 -4.27
C PHE A 121 -12.12 -7.14 -2.76
N VAL A 122 -12.26 -5.90 -2.28
CA VAL A 122 -12.65 -5.63 -0.89
C VAL A 122 -13.82 -4.66 -0.86
N PRO A 123 -14.74 -4.78 0.13
CA PRO A 123 -15.88 -3.87 0.21
C PRO A 123 -15.48 -2.40 0.23
N GLY A 124 -16.19 -1.58 -0.52
CA GLY A 124 -15.89 -0.17 -0.66
C GLY A 124 -15.05 0.17 -1.88
N ASN A 125 -14.43 -0.84 -2.49
CA ASN A 125 -13.60 -0.67 -3.69
C ASN A 125 -14.19 -1.53 -4.82
N GLU A 126 -13.55 -1.49 -5.98
CA GLU A 126 -13.91 -2.32 -7.13
C GLU A 126 -12.79 -3.31 -7.39
N ILE A 127 -13.03 -4.29 -8.25
CA ILE A 127 -11.97 -5.23 -8.66
C ILE A 127 -10.92 -4.49 -9.49
N PHE A 128 -11.38 -3.71 -10.48
CA PHE A 128 -10.49 -2.93 -11.33
C PHE A 128 -10.56 -1.44 -11.03
N ILE A 129 -9.41 -0.78 -11.21
CA ILE A 129 -9.31 0.68 -11.15
C ILE A 129 -8.91 1.16 -12.55
N LYS A 130 -9.64 2.16 -13.05
CA LYS A 130 -9.36 2.72 -14.38
C LYS A 130 -8.37 3.87 -14.30
N THR A 131 -7.61 4.03 -15.37
CA THR A 131 -6.72 5.17 -15.56
C THR A 131 -7.49 6.26 -16.30
N ASP A 132 -6.86 7.43 -16.45
CA ASP A 132 -7.54 8.60 -17.02
C ASP A 132 -7.65 8.51 -18.55
N GLU A 133 -8.89 8.60 -19.05
CA GLU A 133 -9.19 8.54 -20.48
C GLU A 133 -8.46 9.60 -21.30
N LYS A 134 -8.44 10.84 -20.83
CA LYS A 134 -7.81 11.93 -21.56
C LYS A 134 -6.29 11.77 -21.66
N LEU A 135 -5.65 11.30 -20.58
CA LEU A 135 -4.21 10.99 -20.63
C LEU A 135 -3.91 9.84 -21.58
N ASN A 136 -4.74 8.80 -21.55
CA ASN A 136 -4.57 7.65 -22.44
C ASN A 136 -4.69 8.07 -23.91
N ASN A 137 -5.66 8.93 -24.22
CA ASN A 137 -5.80 9.48 -25.57
C ASN A 137 -4.62 10.37 -25.96
N LEU A 138 -4.09 11.14 -25.02
CA LEU A 138 -2.87 11.94 -25.23
C LEU A 138 -1.68 11.04 -25.58
N ALA A 139 -1.52 9.93 -24.85
CA ALA A 139 -0.47 8.95 -25.14
C ALA A 139 -0.59 8.39 -26.55
N LEU A 140 -1.82 8.10 -26.99
CA LEU A 140 -2.05 7.60 -28.35
C LEU A 140 -1.62 8.62 -29.41
N GLU A 141 -1.89 9.91 -29.18
CA GLU A 141 -1.45 10.97 -30.11
C GLU A 141 0.09 11.12 -30.14
N VAL A 142 0.73 11.01 -28.96
CA VAL A 142 2.19 11.06 -28.88
C VAL A 142 2.82 9.87 -29.62
N ALA A 143 2.24 8.69 -29.44
CA ALA A 143 2.72 7.48 -30.13
C ALA A 143 2.61 7.61 -31.66
N LYS A 144 1.47 8.12 -32.12
CA LYS A 144 1.26 8.41 -33.54
C LYS A 144 2.26 9.44 -34.06
N GLU A 145 2.42 10.53 -33.30
CA GLU A 145 3.33 11.63 -33.66
C GLU A 145 4.79 11.18 -33.77
N LEU A 146 5.23 10.36 -32.82
CA LEU A 146 6.63 9.92 -32.76
C LEU A 146 6.91 8.55 -33.40
N ASN A 147 5.88 7.95 -34.02
CA ASN A 147 6.00 6.64 -34.68
C ASN A 147 6.50 5.57 -33.70
N ILE A 148 5.91 5.55 -32.51
CA ILE A 148 6.22 4.56 -31.48
C ILE A 148 5.02 3.61 -31.39
N LYS A 149 5.29 2.30 -31.41
CA LYS A 149 4.24 1.30 -31.21
C LYS A 149 3.80 1.36 -29.74
N LEU A 150 2.49 1.42 -29.52
CA LEU A 150 1.91 1.47 -28.18
C LEU A 150 0.65 0.60 -28.11
N ARG A 151 0.60 -0.29 -27.13
CA ARG A 151 -0.53 -1.19 -26.94
C ARG A 151 -1.29 -0.79 -25.67
N ALA A 152 -2.61 -0.96 -25.70
CA ALA A 152 -3.46 -0.78 -24.52
C ALA A 152 -3.76 -2.15 -23.92
N GLY A 153 -3.82 -2.23 -22.60
CA GLY A 153 -4.11 -3.50 -21.95
C GLY A 153 -4.47 -3.39 -20.49
N ILE A 154 -4.71 -4.54 -19.88
CA ILE A 154 -4.99 -4.67 -18.46
C ILE A 154 -3.69 -5.08 -17.76
N ILE A 155 -3.38 -4.44 -16.64
CA ILE A 155 -2.21 -4.79 -15.84
C ILE A 155 -2.65 -5.36 -14.48
N ALA A 156 -2.08 -6.50 -14.12
CA ALA A 156 -2.32 -7.13 -12.82
C ALA A 156 -1.15 -6.80 -11.90
N THR A 157 -1.46 -6.28 -10.72
CA THR A 157 -0.47 -5.82 -9.76
C THR A 157 -0.50 -6.72 -8.52
N GLY A 158 0.68 -7.04 -8.00
CA GLY A 158 0.78 -7.75 -6.72
C GLY A 158 2.20 -7.68 -6.22
N ASP A 159 2.42 -8.15 -5.00
CA ASP A 159 3.73 -7.99 -4.33
C ASP A 159 4.69 -9.19 -4.52
N GLU A 160 4.54 -9.89 -5.63
CA GLU A 160 5.45 -10.98 -5.99
C GLU A 160 6.06 -10.71 -7.37
N PHE A 161 7.34 -11.01 -7.52
CA PHE A 161 7.96 -11.07 -8.84
C PHE A 161 7.54 -12.40 -9.48
N ILE A 162 6.81 -12.32 -10.58
CA ILE A 162 6.25 -13.51 -11.23
C ILE A 162 7.29 -14.08 -12.19
N CYS A 163 7.64 -15.35 -11.98
CA CYS A 163 8.61 -16.05 -12.83
C CYS A 163 8.24 -17.54 -12.84
N ASP A 164 6.98 -17.78 -13.18
CA ASP A 164 6.32 -19.07 -13.02
C ASP A 164 5.18 -19.10 -14.01
N GLU A 165 5.22 -20.05 -14.94
CA GLU A 165 4.24 -20.11 -16.04
C GLU A 165 2.83 -20.38 -15.53
N ALA A 166 2.72 -21.21 -14.48
CA ALA A 166 1.41 -21.54 -13.90
C ALA A 166 0.75 -20.33 -13.24
N LYS A 167 1.54 -19.58 -12.46
CA LYS A 167 1.07 -18.33 -11.84
C LYS A 167 0.66 -17.30 -12.89
N LYS A 168 1.52 -17.11 -13.89
CA LYS A 168 1.21 -16.25 -15.03
C LYS A 168 -0.13 -16.62 -15.68
N ALA A 169 -0.30 -17.90 -15.98
CA ALA A 169 -1.52 -18.39 -16.62
C ALA A 169 -2.78 -18.12 -15.78
N LYS A 170 -2.66 -18.33 -14.47
CA LYS A 170 -3.78 -18.11 -13.54
C LYS A 170 -4.19 -16.64 -13.48
N ILE A 171 -3.22 -15.75 -13.33
CA ILE A 171 -3.50 -14.32 -13.24
C ILE A 171 -4.08 -13.82 -14.56
N ARG A 172 -3.51 -14.26 -15.67
CA ARG A 172 -4.04 -13.94 -17.00
C ARG A 172 -5.50 -14.38 -17.14
N GLU A 173 -5.80 -15.61 -16.73
CA GLU A 173 -7.16 -16.16 -16.83
C GLU A 173 -8.17 -15.36 -16.01
N ILE A 174 -7.82 -15.09 -14.75
CA ILE A 174 -8.76 -14.45 -13.81
C ILE A 174 -9.06 -13.00 -14.20
N PHE A 175 -8.02 -12.26 -14.57
CA PHE A 175 -8.13 -10.80 -14.78
C PHE A 175 -8.03 -10.36 -16.24
N ASN A 176 -7.82 -11.30 -17.17
CA ASN A 176 -7.54 -10.98 -18.58
C ASN A 176 -6.36 -10.01 -18.69
N ALA A 177 -5.33 -10.23 -17.87
CA ALA A 177 -4.20 -9.33 -17.76
C ALA A 177 -3.21 -9.55 -18.88
N ASP A 178 -2.71 -8.44 -19.42
CA ASP A 178 -1.69 -8.43 -20.48
C ASP A 178 -0.27 -8.36 -19.94
N ALA A 179 -0.12 -7.93 -18.69
CA ALA A 179 1.19 -7.85 -18.07
C ALA A 179 1.05 -7.77 -16.55
N CYS A 180 2.16 -7.97 -15.85
CA CYS A 180 2.18 -7.87 -14.39
C CYS A 180 3.30 -6.96 -13.91
N GLU A 181 3.09 -6.43 -12.71
CA GLU A 181 4.09 -5.60 -12.04
C GLU A 181 3.67 -5.47 -10.58
N MET A 182 4.33 -4.61 -9.81
CA MET A 182 4.16 -4.60 -8.35
C MET A 182 3.72 -3.24 -7.79
N GLU A 183 3.32 -2.31 -8.66
CA GLU A 183 3.00 -0.93 -8.23
C GLU A 183 1.82 -0.22 -8.91
N GLY A 184 1.35 -0.71 -10.05
CA GLY A 184 0.42 0.05 -10.88
C GLY A 184 -0.96 0.27 -10.27
N ALA A 185 -1.59 -0.81 -9.85
CA ALA A 185 -2.97 -0.74 -9.33
C ALA A 185 -3.01 0.12 -8.07
N SER A 186 -1.98 0.02 -7.24
CA SER A 186 -1.89 0.81 -6.01
C SER A 186 -1.78 2.31 -6.32
N VAL A 187 -0.89 2.66 -7.25
CA VAL A 187 -0.73 4.06 -7.67
C VAL A 187 -2.03 4.58 -8.32
N ALA A 188 -2.64 3.79 -9.20
CA ALA A 188 -3.90 4.18 -9.86
C ALA A 188 -5.03 4.37 -8.86
N LEU A 189 -5.08 3.51 -7.85
CA LEU A 189 -6.07 3.63 -6.76
C LEU A 189 -5.89 4.94 -6.00
N VAL A 190 -4.66 5.26 -5.64
CA VAL A 190 -4.38 6.52 -4.91
C VAL A 190 -4.84 7.72 -5.72
N CYS A 191 -4.46 7.75 -7.00
CA CYS A 191 -4.79 8.88 -7.86
C CYS A 191 -6.30 9.04 -8.01
N ASP A 192 -7.00 7.93 -8.24
CA ASP A 192 -8.46 7.95 -8.34
C ASP A 192 -9.10 8.48 -7.05
N ALA A 193 -8.65 7.98 -5.90
CA ALA A 193 -9.17 8.40 -4.60
C ALA A 193 -8.98 9.90 -4.37
N LEU A 194 -7.85 10.44 -4.80
CA LEU A 194 -7.51 11.85 -4.62
C LEU A 194 -7.87 12.75 -5.82
N LYS A 195 -8.61 12.20 -6.79
CA LYS A 195 -9.13 12.94 -7.95
C LYS A 195 -8.03 13.53 -8.83
N VAL A 196 -6.95 12.77 -9.00
CA VAL A 196 -5.82 13.15 -9.83
C VAL A 196 -5.80 12.20 -11.05
N PRO A 197 -5.78 12.76 -12.28
CA PRO A 197 -5.61 11.94 -13.49
C PRO A 197 -4.31 11.15 -13.46
N CYS A 198 -4.42 9.85 -13.71
CA CYS A 198 -3.31 8.90 -13.65
C CYS A 198 -3.09 8.22 -15.00
N PHE A 199 -1.82 8.07 -15.36
CA PHE A 199 -1.40 7.33 -16.55
C PHE A 199 -0.33 6.32 -16.11
N ILE A 200 -0.51 5.05 -16.48
CA ILE A 200 0.42 3.97 -16.12
C ILE A 200 1.03 3.38 -17.40
N LEU A 201 2.33 3.59 -17.59
CA LEU A 201 3.05 3.09 -18.76
C LEU A 201 4.12 2.12 -18.33
N ARG A 202 4.22 1.00 -19.03
CA ARG A 202 5.22 -0.02 -18.75
C ARG A 202 5.85 -0.51 -20.04
N ALA A 203 7.17 -0.65 -20.04
CA ALA A 203 7.90 -1.32 -21.12
C ALA A 203 8.28 -2.73 -20.66
N MET A 204 8.09 -3.73 -21.51
CA MET A 204 8.32 -5.11 -21.09
C MET A 204 9.81 -5.38 -20.88
N SER A 205 10.16 -5.94 -19.73
CA SER A 205 11.53 -6.36 -19.41
C SER A 205 11.74 -7.87 -19.48
N ASP A 206 10.64 -8.63 -19.50
CA ASP A 206 10.68 -10.09 -19.42
C ASP A 206 9.28 -10.64 -19.71
N LYS A 207 9.17 -11.96 -19.77
CA LYS A 207 7.91 -12.63 -20.06
C LYS A 207 7.32 -13.37 -18.85
N ALA A 208 7.83 -13.06 -17.66
CA ALA A 208 7.23 -13.51 -16.39
C ALA A 208 7.09 -15.02 -16.22
N GLY A 209 7.95 -15.78 -16.90
CA GLY A 209 7.93 -17.24 -16.84
C GLY A 209 9.25 -17.76 -16.31
N GLU A 210 9.62 -18.97 -16.74
CA GLU A 210 10.89 -19.55 -16.35
C GLU A 210 12.04 -18.63 -16.75
N LYS A 211 12.95 -18.40 -15.81
CA LYS A 211 14.12 -17.53 -16.01
C LYS A 211 13.79 -16.06 -16.34
N ALA A 212 12.61 -15.58 -15.90
CA ALA A 212 12.26 -14.16 -16.06
C ALA A 212 13.23 -13.24 -15.31
N GLU A 213 13.74 -13.70 -14.18
CA GLU A 213 14.75 -12.93 -13.42
C GLU A 213 15.99 -12.59 -14.25
N PHE A 214 16.41 -13.51 -15.12
CA PHE A 214 17.56 -13.28 -15.98
C PHE A 214 17.26 -12.30 -17.10
N ASP A 215 16.09 -12.45 -17.73
CA ASP A 215 15.65 -11.49 -18.74
C ASP A 215 15.49 -10.11 -18.14
N PHE A 216 14.88 -10.03 -16.95
CA PHE A 216 14.74 -8.74 -16.26
C PHE A 216 16.10 -8.06 -16.11
N ASP A 217 17.08 -8.80 -15.58
CA ASP A 217 18.42 -8.25 -15.39
C ASP A 217 19.04 -7.74 -16.69
N GLU A 218 18.87 -8.50 -17.77
CA GLU A 218 19.45 -8.14 -19.06
C GLU A 218 18.78 -6.93 -19.72
N PHE A 219 17.46 -6.79 -19.56
CA PHE A 219 16.70 -5.80 -20.32
C PHE A 219 16.14 -4.61 -19.53
N VAL A 220 16.20 -4.64 -18.19
CA VAL A 220 15.61 -3.56 -17.38
C VAL A 220 16.12 -2.15 -17.72
N ILE A 221 17.44 -1.99 -17.86
CA ILE A 221 18.01 -0.66 -18.11
C ILE A 221 17.45 -0.07 -19.41
N ASN A 222 17.47 -0.84 -20.49
CA ASN A 222 17.01 -0.35 -21.78
C ASN A 222 15.49 -0.13 -21.83
N SER A 223 14.73 -1.11 -21.34
CA SER A 223 13.27 -0.99 -21.31
C SER A 223 12.82 0.20 -20.46
N ALA A 224 13.49 0.42 -19.33
CA ALA A 224 13.20 1.57 -18.47
C ALA A 224 13.40 2.91 -19.19
N LYS A 225 14.43 3.00 -20.02
CA LYS A 225 14.70 4.22 -20.80
C LYS A 225 13.61 4.51 -21.83
N ILE A 226 13.07 3.45 -22.43
CA ILE A 226 12.01 3.57 -23.44
C ILE A 226 10.75 4.18 -22.82
N SER A 227 10.32 3.63 -21.69
CA SER A 227 9.17 4.15 -20.97
C SER A 227 9.40 5.57 -20.47
N ALA A 228 10.59 5.82 -19.92
CA ALA A 228 10.96 7.14 -19.39
C ALA A 228 10.89 8.22 -20.47
N ASN A 229 11.45 7.92 -21.64
CA ASN A 229 11.42 8.86 -22.76
C ASN A 229 9.99 9.22 -23.12
N PHE A 230 9.13 8.21 -23.20
CA PHE A 230 7.73 8.41 -23.62
C PHE A 230 6.96 9.33 -22.68
N VAL A 231 7.05 9.10 -21.37
CA VAL A 231 6.35 9.98 -20.41
C VAL A 231 6.86 11.42 -20.44
N LEU A 232 8.15 11.61 -20.69
CA LEU A 232 8.70 12.96 -20.81
C LEU A 232 8.14 13.68 -22.05
N LYS A 233 7.93 12.95 -23.14
CA LYS A 233 7.27 13.51 -24.33
C LYS A 233 5.81 13.87 -24.07
N MET A 234 5.12 13.09 -23.23
CA MET A 234 3.75 13.41 -22.83
C MET A 234 3.66 14.71 -22.05
N CYS A 235 4.66 14.98 -21.20
CA CYS A 235 4.71 16.23 -20.43
C CYS A 235 4.70 17.48 -21.30
N GLU A 236 5.29 17.40 -22.48
CA GLU A 236 5.31 18.50 -23.44
C GLU A 236 3.91 18.89 -23.93
N LYS A 237 3.03 17.90 -24.10
CA LYS A 237 1.67 18.14 -24.58
C LYS A 237 0.68 18.50 -23.48
N LEU A 238 1.06 18.29 -22.22
CA LEU A 238 0.28 18.79 -21.08
C LEU A 238 0.56 20.27 -20.92
N GLY B 10 -1.14 18.41 24.03
CA GLY B 10 -2.28 18.60 23.08
C GLY B 10 -1.92 18.27 21.64
N MET B 11 -1.27 17.11 21.44
CA MET B 11 -0.91 16.65 20.10
C MET B 11 -2.16 16.14 19.36
N LYS B 12 -2.12 16.23 18.04
CA LYS B 12 -3.20 15.73 17.19
C LYS B 12 -3.02 14.23 17.00
N ILE B 13 -4.06 13.46 17.28
CA ILE B 13 -3.99 12.00 17.33
C ILE B 13 -4.84 11.40 16.22
N ALA B 14 -4.25 10.51 15.43
CA ALA B 14 -5.02 9.72 14.45
C ALA B 14 -5.36 8.38 15.08
N ILE B 15 -6.61 7.95 14.92
CA ILE B 15 -7.02 6.60 15.33
C ILE B 15 -7.58 5.92 14.09
N LEU B 16 -6.96 4.82 13.68
CA LEU B 16 -7.26 4.17 12.41
C LEU B 16 -7.62 2.71 12.63
N GLY B 17 -8.68 2.26 11.98
CA GLY B 17 -9.01 0.84 11.86
C GLY B 17 -9.13 0.48 10.38
N ALA B 18 -9.38 -0.79 10.09
CA ALA B 18 -9.55 -1.25 8.71
C ALA B 18 -11.03 -1.30 8.30
N MET B 19 -11.88 -1.71 9.23
CA MET B 19 -13.31 -1.93 8.95
C MET B 19 -14.19 -1.05 9.84
N SER B 20 -15.43 -0.83 9.39
CA SER B 20 -16.40 -0.04 10.16
C SER B 20 -16.54 -0.55 11.62
N GLU B 21 -16.58 -1.87 11.78
CA GLU B 21 -16.69 -2.51 13.10
C GLU B 21 -15.59 -2.13 14.07
N GLU B 22 -14.40 -1.79 13.55
CA GLU B 22 -13.25 -1.44 14.36
C GLU B 22 -13.23 0.00 14.84
N ILE B 23 -13.96 0.89 14.16
CA ILE B 23 -13.98 2.33 14.48
C ILE B 23 -15.33 2.83 15.00
N THR B 24 -16.43 2.22 14.55
CA THR B 24 -17.76 2.60 15.03
C THR B 24 -17.92 2.67 16.57
N PRO B 25 -17.32 1.71 17.33
CA PRO B 25 -17.38 1.82 18.79
C PRO B 25 -16.78 3.11 19.36
N LEU B 26 -15.70 3.61 18.75
CA LEU B 26 -15.12 4.91 19.14
C LEU B 26 -16.06 6.07 18.84
N LEU B 27 -16.66 6.06 17.64
CA LEU B 27 -17.60 7.12 17.24
C LEU B 27 -18.80 7.19 18.18
N GLU B 28 -19.31 6.02 18.57
CA GLU B 28 -20.43 5.95 19.51
C GLU B 28 -20.06 6.44 20.91
N THR B 29 -18.84 6.16 21.35
CA THR B 29 -18.33 6.67 22.64
C THR B 29 -18.10 8.19 22.60
N LEU B 30 -17.55 8.68 21.50
CA LEU B 30 -17.31 10.12 21.32
C LEU B 30 -18.59 10.93 21.17
N LYS B 31 -19.60 10.35 20.52
CA LYS B 31 -20.94 10.95 20.34
C LYS B 31 -20.98 12.15 19.38
N ASP B 32 -20.16 13.18 19.66
CA ASP B 32 -20.10 14.39 18.85
C ASP B 32 -18.85 14.43 17.97
N TYR B 33 -19.03 14.63 16.67
CA TYR B 33 -17.92 14.70 15.72
C TYR B 33 -18.36 15.29 14.37
N THR B 34 -17.39 15.73 13.58
CA THR B 34 -17.61 16.29 12.25
C THR B 34 -17.03 15.37 11.17
N LYS B 35 -17.76 15.19 10.07
CA LYS B 35 -17.36 14.29 8.97
C LYS B 35 -16.82 15.09 7.79
N ILE B 36 -15.71 14.63 7.20
CA ILE B 36 -15.16 15.19 5.97
C ILE B 36 -14.92 14.08 4.94
N GLU B 37 -15.45 14.27 3.74
CA GLU B 37 -15.20 13.36 2.62
C GLU B 37 -13.85 13.65 1.99
N HIS B 38 -12.99 12.63 1.94
CA HIS B 38 -11.67 12.77 1.31
C HIS B 38 -11.09 11.40 0.98
N ALA B 39 -10.35 11.31 -0.11
CA ALA B 39 -9.67 10.07 -0.50
C ALA B 39 -10.64 8.89 -0.60
N ASN B 40 -11.81 9.15 -1.19
CA ASN B 40 -12.87 8.17 -1.36
C ASN B 40 -13.22 7.44 -0.04
N ASN B 41 -13.40 8.25 1.00
CA ASN B 41 -13.60 7.74 2.35
C ASN B 41 -14.13 8.90 3.21
N THR B 42 -14.49 8.60 4.46
CA THR B 42 -14.88 9.63 5.41
C THR B 42 -13.89 9.68 6.55
N TYR B 43 -13.46 10.90 6.89
CA TYR B 43 -12.57 11.15 8.01
C TYR B 43 -13.37 11.93 9.07
N TYR B 44 -13.28 11.45 10.31
CA TYR B 44 -14.07 11.96 11.43
C TYR B 44 -13.17 12.77 12.35
N PHE B 45 -13.69 13.90 12.82
CA PHE B 45 -12.93 14.83 13.64
C PHE B 45 -13.69 15.09 14.94
N ALA B 46 -12.99 14.91 16.06
CA ALA B 46 -13.59 15.04 17.38
C ALA B 46 -12.59 15.59 18.38
N LYS B 47 -13.11 16.17 19.46
CA LYS B 47 -12.34 16.57 20.63
C LYS B 47 -12.63 15.56 21.73
N TYR B 48 -11.59 14.92 22.26
CA TYR B 48 -11.72 13.95 23.35
C TYR B 48 -10.80 14.33 24.48
N LYS B 49 -11.37 14.77 25.60
CA LYS B 49 -10.60 15.19 26.78
C LYS B 49 -9.42 16.09 26.38
N ASP B 50 -9.76 17.12 25.61
CA ASP B 50 -8.82 18.14 25.12
C ASP B 50 -7.73 17.63 24.15
N HIS B 51 -8.01 16.54 23.43
CA HIS B 51 -7.18 16.09 22.32
C HIS B 51 -7.97 16.23 21.03
N GLU B 52 -7.34 16.80 20.00
CA GLU B 52 -7.91 16.77 18.65
C GLU B 52 -7.67 15.39 18.04
N LEU B 53 -8.75 14.69 17.69
CA LEU B 53 -8.67 13.35 17.09
C LEU B 53 -9.10 13.40 15.62
N VAL B 54 -8.44 12.58 14.80
CA VAL B 54 -8.92 12.26 13.46
C VAL B 54 -9.08 10.74 13.38
N LEU B 55 -10.25 10.28 12.97
CA LEU B 55 -10.57 8.85 12.93
C LEU B 55 -11.05 8.44 11.56
N ALA B 56 -10.81 7.17 11.22
CA ALA B 56 -11.29 6.60 9.97
C ALA B 56 -11.15 5.10 10.01
N TYR B 57 -11.94 4.39 9.19
CA TYR B 57 -11.56 3.06 8.79
C TYR B 57 -11.06 3.15 7.34
N SER B 58 -9.98 2.43 7.06
CA SER B 58 -9.29 2.56 5.79
C SER B 58 -9.91 1.77 4.64
N LYS B 59 -10.71 0.76 4.99
CA LYS B 59 -11.06 -0.38 4.13
C LYS B 59 -9.89 -1.36 4.15
N ILE B 60 -10.18 -2.59 3.74
CA ILE B 60 -9.29 -3.72 4.02
C ILE B 60 -8.02 -3.69 3.19
N GLY B 61 -6.89 -4.03 3.81
CA GLY B 61 -5.67 -4.38 3.09
C GLY B 61 -4.57 -3.33 3.11
N LYS B 62 -3.42 -3.70 2.55
CA LYS B 62 -2.20 -2.91 2.68
C LYS B 62 -2.28 -1.56 1.96
N VAL B 63 -2.80 -1.54 0.74
CA VAL B 63 -2.87 -0.31 -0.05
C VAL B 63 -3.84 0.68 0.62
N ASN B 64 -5.03 0.21 0.96
CA ASN B 64 -6.02 1.08 1.62
C ASN B 64 -5.52 1.69 2.93
N SER B 65 -4.89 0.86 3.76
CA SER B 65 -4.38 1.33 5.05
C SER B 65 -3.18 2.28 4.90
N THR B 66 -2.31 2.00 3.92
CA THR B 66 -1.20 2.91 3.58
C THR B 66 -1.73 4.30 3.19
N LEU B 67 -2.75 4.31 2.33
CA LEU B 67 -3.36 5.56 1.89
C LEU B 67 -3.96 6.35 3.06
N SER B 68 -4.73 5.68 3.92
CA SER B 68 -5.36 6.37 5.07
C SER B 68 -4.34 6.95 6.04
N ALA B 69 -3.32 6.16 6.38
CA ALA B 69 -2.25 6.64 7.25
C ALA B 69 -1.57 7.88 6.63
N SER B 70 -1.27 7.81 5.34
CA SER B 70 -0.65 8.92 4.61
C SER B 70 -1.53 10.17 4.61
N VAL B 71 -2.83 9.99 4.40
CA VAL B 71 -3.79 11.10 4.41
C VAL B 71 -3.89 11.74 5.80
N MET B 72 -3.99 10.91 6.83
CA MET B 72 -4.12 11.40 8.20
C MET B 72 -2.93 12.25 8.64
N ILE B 73 -1.74 11.87 8.19
CA ILE B 73 -0.50 12.60 8.50
C ILE B 73 -0.26 13.76 7.54
N GLU B 74 -0.19 13.48 6.24
CA GLU B 74 0.20 14.50 5.24
C GLU B 74 -0.87 15.57 5.00
N LYS B 75 -2.14 15.18 4.97
CA LYS B 75 -3.24 16.12 4.76
C LYS B 75 -3.72 16.70 6.08
N PHE B 76 -4.07 15.83 7.03
CA PHE B 76 -4.72 16.28 8.27
C PHE B 76 -3.79 16.55 9.46
N GLY B 77 -2.49 16.33 9.29
CA GLY B 77 -1.49 16.74 10.27
C GLY B 77 -1.42 15.95 11.57
N ALA B 78 -1.84 14.69 11.55
CA ALA B 78 -1.72 13.82 12.72
C ALA B 78 -0.25 13.72 13.15
N GLN B 79 -0.03 13.83 14.46
CA GLN B 79 1.31 13.77 15.07
C GLN B 79 1.59 12.46 15.80
N VAL B 80 0.54 11.68 16.05
CA VAL B 80 0.63 10.34 16.61
C VAL B 80 -0.46 9.52 15.93
N LEU B 81 -0.21 8.23 15.70
CA LEU B 81 -1.21 7.35 15.11
C LEU B 81 -1.36 6.08 15.93
N LEU B 82 -2.60 5.79 16.32
CA LEU B 82 -2.96 4.57 17.04
C LEU B 82 -3.80 3.73 16.10
N PHE B 83 -3.36 2.51 15.80
CA PHE B 83 -4.17 1.58 15.02
C PHE B 83 -4.90 0.62 15.95
N THR B 84 -6.20 0.43 15.70
CA THR B 84 -7.04 -0.46 16.50
C THR B 84 -7.83 -1.38 15.60
N GLY B 85 -7.88 -2.66 15.96
CA GLY B 85 -8.68 -3.61 15.20
C GLY B 85 -8.53 -5.02 15.73
N VAL B 86 -8.79 -5.98 14.86
CA VAL B 86 -8.73 -7.39 15.20
C VAL B 86 -7.65 -8.10 14.38
N ALA B 87 -7.33 -9.33 14.75
CA ALA B 87 -6.29 -10.11 14.08
C ALA B 87 -6.50 -11.61 14.25
N GLY B 88 -5.76 -12.38 13.46
CA GLY B 88 -5.76 -13.83 13.53
C GLY B 88 -4.60 -14.31 14.39
N ALA B 89 -4.90 -15.11 15.42
CA ALA B 89 -3.87 -15.55 16.37
C ALA B 89 -3.02 -16.70 15.83
N PHE B 90 -1.71 -16.55 15.97
CA PHE B 90 -0.73 -17.61 15.64
C PHE B 90 -0.13 -18.26 16.89
N ASN B 91 0.22 -17.43 17.88
CA ASN B 91 0.79 -17.91 19.14
C ASN B 91 -0.28 -18.71 19.87
N PRO B 92 0.02 -19.99 20.21
CA PRO B 92 -1.01 -20.83 20.84
C PRO B 92 -1.49 -20.37 22.23
N GLU B 93 -0.72 -19.52 22.90
CA GLU B 93 -1.15 -18.90 24.17
C GLU B 93 -2.25 -17.84 24.00
N LEU B 94 -2.40 -17.29 22.79
CA LEU B 94 -3.45 -16.30 22.52
C LEU B 94 -4.82 -16.96 22.35
N GLU B 95 -5.81 -16.44 23.07
CA GLU B 95 -7.20 -16.85 22.89
C GLU B 95 -7.98 -15.72 22.23
N ILE B 96 -9.15 -16.06 21.71
CA ILE B 96 -10.03 -15.08 21.10
C ILE B 96 -10.38 -14.00 22.13
N GLY B 97 -10.28 -12.74 21.72
CA GLY B 97 -10.46 -11.59 22.60
C GLY B 97 -9.20 -11.02 23.23
N ASP B 98 -8.10 -11.77 23.22
CA ASP B 98 -6.84 -11.30 23.82
C ASP B 98 -6.22 -10.16 23.03
N LEU B 99 -5.62 -9.21 23.76
CA LEU B 99 -4.97 -8.06 23.17
C LEU B 99 -3.47 -8.31 22.94
N LEU B 100 -3.01 -7.92 21.76
CA LEU B 100 -1.61 -8.00 21.38
C LEU B 100 -1.22 -6.66 20.77
N TYR B 101 -0.15 -6.04 21.25
CA TYR B 101 0.45 -4.91 20.54
C TYR B 101 1.70 -5.39 19.82
N ALA B 102 1.97 -4.80 18.66
CA ALA B 102 3.09 -5.21 17.84
C ALA B 102 4.33 -4.45 18.25
N THR B 103 5.42 -5.17 18.56
CA THR B 103 6.73 -4.54 18.76
C THR B 103 7.38 -4.26 17.40
N LYS B 104 7.20 -5.20 16.48
CA LYS B 104 7.61 -5.02 15.10
C LYS B 104 6.72 -5.81 14.15
N LEU B 105 6.77 -5.44 12.88
CA LEU B 105 5.90 -6.04 11.87
C LEU B 105 6.64 -6.27 10.56
N ALA B 106 6.22 -7.28 9.82
CA ALA B 106 6.76 -7.58 8.48
C ALA B 106 5.64 -7.87 7.51
N GLN B 107 5.94 -7.71 6.21
CA GLN B 107 5.03 -8.09 5.13
C GLN B 107 5.43 -9.48 4.62
N TYR B 108 4.67 -10.50 5.01
CA TYR B 108 4.99 -11.88 4.60
C TYR B 108 4.78 -12.15 3.10
N ASP B 109 4.01 -11.30 2.41
CA ASP B 109 3.69 -11.51 0.98
C ASP B 109 4.45 -10.57 0.05
N LEU B 110 5.47 -9.88 0.57
CA LEU B 110 6.35 -9.04 -0.24
C LEU B 110 7.53 -9.91 -0.64
N ASP B 111 7.58 -10.29 -1.91
CA ASP B 111 8.39 -11.43 -2.35
C ASP B 111 9.13 -11.13 -3.65
N ILE B 112 10.41 -10.79 -3.53
CA ILE B 112 11.34 -10.76 -4.66
C ILE B 112 12.45 -11.78 -4.39
N THR B 113 12.08 -12.91 -3.80
CA THR B 113 13.02 -13.95 -3.40
C THR B 113 13.71 -14.63 -4.60
N ALA B 114 13.13 -14.52 -5.79
CA ALA B 114 13.77 -14.98 -7.04
C ALA B 114 15.17 -14.39 -7.29
N PHE B 115 15.43 -13.19 -6.77
CA PHE B 115 16.74 -12.54 -6.87
C PHE B 115 17.65 -12.79 -5.65
N GLY B 116 17.25 -13.68 -4.75
CA GLY B 116 18.05 -14.04 -3.58
C GLY B 116 17.71 -13.35 -2.28
N HIS B 117 16.81 -12.35 -2.33
CA HIS B 117 16.47 -11.58 -1.14
C HIS B 117 15.65 -12.42 -0.16
N PRO B 118 15.76 -12.13 1.16
CA PRO B 118 14.84 -12.76 2.11
C PRO B 118 13.38 -12.38 1.83
N LEU B 119 12.47 -13.27 2.19
CA LEU B 119 11.04 -12.97 2.10
C LEU B 119 10.72 -11.75 2.96
N GLY B 120 9.93 -10.81 2.40
CA GLY B 120 9.57 -9.59 3.08
C GLY B 120 10.51 -8.41 2.85
N PHE B 121 11.63 -8.65 2.17
CA PHE B 121 12.63 -7.61 1.94
C PHE B 121 12.55 -7.01 0.55
N VAL B 122 12.63 -5.68 0.47
CA VAL B 122 12.96 -4.98 -0.77
C VAL B 122 14.10 -3.98 -0.50
N PRO B 123 14.97 -3.75 -1.50
CA PRO B 123 16.09 -2.81 -1.34
C PRO B 123 15.66 -1.44 -0.85
N GLY B 124 16.40 -0.90 0.11
CA GLY B 124 16.09 0.39 0.71
C GLY B 124 15.28 0.30 1.99
N ASN B 125 14.67 -0.85 2.25
CA ASN B 125 13.85 -1.07 3.43
C ASN B 125 14.44 -2.23 4.26
N GLU B 126 13.80 -2.52 5.38
CA GLU B 126 14.17 -3.63 6.26
C GLU B 126 13.06 -4.68 6.20
N ILE B 127 13.34 -5.87 6.74
CA ILE B 127 12.29 -6.90 6.84
C ILE B 127 11.22 -6.48 7.84
N PHE B 128 11.66 -6.01 9.02
CA PHE B 128 10.75 -5.57 10.07
C PHE B 128 10.73 -4.06 10.25
N ILE B 129 9.55 -3.54 10.60
CA ILE B 129 9.38 -2.14 10.98
C ILE B 129 8.95 -2.11 12.44
N LYS B 130 9.59 -1.26 13.24
CA LYS B 130 9.29 -1.14 14.67
C LYS B 130 8.22 -0.09 14.92
N THR B 131 7.47 -0.30 15.99
CA THR B 131 6.51 0.68 16.51
C THR B 131 7.20 1.55 17.56
N ASP B 132 6.50 2.58 18.03
CA ASP B 132 7.08 3.56 18.95
C ASP B 132 7.21 3.03 20.38
N GLU B 133 8.44 3.05 20.90
CA GLU B 133 8.74 2.60 22.27
C GLU B 133 7.94 3.31 23.36
N LYS B 134 7.83 4.64 23.27
CA LYS B 134 7.10 5.40 24.29
C LYS B 134 5.60 5.11 24.31
N LEU B 135 5.01 4.94 23.13
CA LEU B 135 3.59 4.53 23.05
C LEU B 135 3.38 3.11 23.61
N ASN B 136 4.30 2.20 23.28
CA ASN B 136 4.21 0.82 23.78
C ASN B 136 4.33 0.78 25.31
N ASN B 137 5.23 1.59 25.87
CA ASN B 137 5.34 1.70 27.34
C ASN B 137 4.09 2.32 27.97
N LEU B 138 3.51 3.32 27.29
CA LEU B 138 2.23 3.89 27.72
C LEU B 138 1.11 2.85 27.79
N ALA B 139 1.03 2.02 26.73
CA ALA B 139 0.07 0.91 26.69
C ALA B 139 0.26 -0.06 27.87
N LEU B 140 1.51 -0.37 28.19
CA LEU B 140 1.80 -1.25 29.34
C LEU B 140 1.32 -0.66 30.66
N GLU B 141 1.49 0.66 30.85
CA GLU B 141 0.99 1.30 32.07
C GLU B 141 -0.54 1.37 32.14
N VAL B 142 -1.20 1.57 31.00
CA VAL B 142 -2.67 1.54 30.93
C VAL B 142 -3.19 0.14 31.26
N ALA B 143 -2.54 -0.89 30.71
CA ALA B 143 -2.91 -2.29 30.97
C ALA B 143 -2.77 -2.64 32.46
N LYS B 144 -1.67 -2.21 33.07
CA LYS B 144 -1.44 -2.37 34.51
C LYS B 144 -2.49 -1.62 35.33
N GLU B 145 -2.75 -0.36 34.96
CA GLU B 145 -3.73 0.48 35.64
C GLU B 145 -5.15 -0.08 35.59
N LEU B 146 -5.55 -0.60 34.44
CA LEU B 146 -6.92 -1.10 34.24
C LEU B 146 -7.08 -2.63 34.42
N ASN B 147 -6.00 -3.30 34.83
CA ASN B 147 -6.01 -4.77 35.03
C ASN B 147 -6.45 -5.51 33.75
N ILE B 148 -5.89 -5.10 32.63
CA ILE B 148 -6.16 -5.72 31.33
C ILE B 148 -4.91 -6.51 30.94
N LYS B 149 -5.09 -7.76 30.55
CA LYS B 149 -4.00 -8.59 30.06
C LYS B 149 -3.60 -8.06 28.68
N LEU B 150 -2.28 -7.86 28.49
CA LEU B 150 -1.74 -7.31 27.24
C LEU B 150 -0.44 -8.03 26.93
N ARG B 151 -0.34 -8.56 25.70
CA ARG B 151 0.85 -9.28 25.25
C ARG B 151 1.56 -8.44 24.19
N ALA B 152 2.89 -8.52 24.19
CA ALA B 152 3.72 -7.91 23.15
C ALA B 152 4.12 -9.02 22.18
N GLY B 153 4.19 -8.68 20.89
CA GLY B 153 4.57 -9.67 19.90
C GLY B 153 4.86 -9.11 18.53
N ILE B 154 5.14 -10.03 17.62
CA ILE B 154 5.43 -9.71 16.22
C ILE B 154 4.15 -9.97 15.42
N ILE B 155 3.81 -9.04 14.54
CA ILE B 155 2.64 -9.20 13.66
C ILE B 155 3.12 -9.32 12.21
N ALA B 156 2.61 -10.34 11.52
CA ALA B 156 2.87 -10.54 10.09
C ALA B 156 1.68 -10.02 9.30
N THR B 157 1.95 -9.14 8.34
CA THR B 157 0.93 -8.47 7.56
C THR B 157 1.00 -8.95 6.11
N GLY B 158 -0.15 -9.16 5.50
CA GLY B 158 -0.22 -9.47 4.08
C GLY B 158 -1.64 -9.33 3.60
N ASP B 159 -1.85 -9.41 2.29
CA ASP B 159 -3.17 -9.12 1.70
C ASP B 159 -4.05 -10.36 1.49
N GLU B 160 -3.85 -11.38 2.33
CA GLU B 160 -4.69 -12.58 2.32
C GLU B 160 -5.30 -12.77 3.71
N PHE B 161 -6.56 -13.19 3.75
CA PHE B 161 -7.16 -13.68 4.99
C PHE B 161 -6.67 -15.12 5.20
N ILE B 162 -5.93 -15.34 6.28
CA ILE B 162 -5.30 -16.65 6.54
C ILE B 162 -6.30 -17.55 7.26
N CYS B 163 -6.58 -18.71 6.67
CA CYS B 163 -7.51 -19.68 7.26
C CYS B 163 -7.08 -21.08 6.84
N ASP B 164 -5.81 -21.37 7.11
CA ASP B 164 -5.13 -22.58 6.66
C ASP B 164 -3.99 -22.85 7.63
N GLU B 165 -4.00 -24.02 8.27
CA GLU B 165 -3.01 -24.35 9.30
C GLU B 165 -1.58 -24.38 8.78
N ALA B 166 -1.41 -24.90 7.55
CA ALA B 166 -0.09 -25.00 6.93
C ALA B 166 0.51 -23.63 6.62
N LYS B 167 -0.32 -22.74 6.06
CA LYS B 167 0.09 -21.36 5.77
C LYS B 167 0.43 -20.60 7.06
N LYS B 168 -0.44 -20.72 8.06
CA LYS B 168 -0.20 -20.15 9.39
C LYS B 168 1.16 -20.61 9.95
N ALA B 169 1.40 -21.91 9.90
CA ALA B 169 2.65 -22.48 10.43
C ALA B 169 3.89 -21.94 9.71
N LYS B 170 3.79 -21.80 8.39
CA LYS B 170 4.89 -21.26 7.59
C LYS B 170 5.22 -19.81 7.94
N ILE B 171 4.19 -18.97 8.00
CA ILE B 171 4.40 -17.55 8.32
C ILE B 171 4.96 -17.39 9.74
N ARG B 172 4.40 -18.16 10.67
CA ARG B 172 4.90 -18.17 12.05
C ARG B 172 6.37 -18.57 12.11
N GLU B 173 6.75 -19.62 11.38
CA GLU B 173 8.13 -20.10 11.36
C GLU B 173 9.10 -19.06 10.80
N ILE B 174 8.75 -18.46 9.66
CA ILE B 174 9.66 -17.54 8.97
C ILE B 174 9.88 -16.24 9.75
N PHE B 175 8.79 -15.68 10.30
CA PHE B 175 8.83 -14.36 10.93
C PHE B 175 8.74 -14.35 12.47
N ASN B 176 8.59 -15.53 13.08
CA ASN B 176 8.29 -15.65 14.52
C ASN B 176 7.07 -14.80 14.89
N ALA B 177 6.06 -14.83 14.02
CA ALA B 177 4.88 -13.99 14.17
C ALA B 177 3.91 -14.59 15.17
N ASP B 178 3.35 -13.72 16.02
CA ASP B 178 2.34 -14.10 17.01
C ASP B 178 0.91 -13.95 16.50
N ALA B 179 0.73 -13.17 15.43
CA ALA B 179 -0.58 -12.97 14.83
C ALA B 179 -0.43 -12.46 13.41
N CYS B 180 -1.53 -12.51 12.66
CA CYS B 180 -1.57 -11.96 11.31
C CYS B 180 -2.74 -11.02 11.11
N GLU B 181 -2.57 -10.13 10.14
CA GLU B 181 -3.61 -9.19 9.74
C GLU B 181 -3.22 -8.59 8.39
N MET B 182 -3.94 -7.58 7.91
CA MET B 182 -3.78 -7.13 6.53
C MET B 182 -3.43 -5.64 6.41
N GLU B 183 -3.07 -4.99 7.52
CA GLU B 183 -2.83 -3.53 7.54
C GLU B 183 -1.68 -3.00 8.40
N GLY B 184 -1.18 -3.78 9.35
CA GLY B 184 -0.29 -3.24 10.39
C GLY B 184 1.06 -2.78 9.90
N ALA B 185 1.74 -3.64 9.16
CA ALA B 185 3.11 -3.33 8.70
C ALA B 185 3.10 -2.11 7.78
N SER B 186 2.07 -2.02 6.94
CA SER B 186 1.93 -0.90 6.01
C SER B 186 1.73 0.42 6.75
N VAL B 187 0.82 0.42 7.74
CA VAL B 187 0.58 1.61 8.57
C VAL B 187 1.84 1.99 9.34
N ALA B 188 2.50 1.01 9.96
CA ALA B 188 3.73 1.26 10.72
C ALA B 188 4.85 1.82 9.85
N LEU B 189 4.96 1.30 8.61
CA LEU B 189 5.92 1.80 7.64
C LEU B 189 5.66 3.27 7.29
N VAL B 190 4.41 3.62 7.04
CA VAL B 190 4.05 5.00 6.72
C VAL B 190 4.43 5.94 7.85
N CYS B 191 4.06 5.57 9.07
CA CYS B 191 4.31 6.40 10.24
C CYS B 191 5.81 6.60 10.45
N ASP B 192 6.58 5.52 10.34
CA ASP B 192 8.04 5.60 10.46
C ASP B 192 8.64 6.53 9.41
N ALA B 193 8.21 6.37 8.15
CA ALA B 193 8.68 7.19 7.04
C ALA B 193 8.41 8.69 7.27
N LEU B 194 7.24 8.99 7.83
CA LEU B 194 6.82 10.38 8.08
C LEU B 194 7.15 10.89 9.50
N LYS B 195 7.92 10.12 10.27
CA LYS B 195 8.40 10.50 11.61
C LYS B 195 7.26 10.74 12.62
N VAL B 196 6.24 9.88 12.52
CA VAL B 196 5.09 9.94 13.42
C VAL B 196 5.12 8.67 14.29
N PRO B 197 5.08 8.83 15.63
CA PRO B 197 4.95 7.68 16.54
C PRO B 197 3.71 6.85 16.26
N CYS B 198 3.90 5.54 16.11
CA CYS B 198 2.86 4.59 15.75
C CYS B 198 2.69 3.52 16.82
N PHE B 199 1.43 3.18 17.11
CA PHE B 199 1.06 2.08 18.02
C PHE B 199 0.06 1.20 17.27
N ILE B 200 0.32 -0.11 17.24
CA ILE B 200 -0.54 -1.09 16.55
C ILE B 200 -1.09 -2.08 17.58
N LEU B 201 -2.40 -2.02 17.80
CA LEU B 201 -3.07 -2.90 18.76
C LEU B 201 -4.09 -3.75 18.04
N ARG B 202 -4.12 -5.04 18.39
CA ARG B 202 -5.06 -5.98 17.79
C ARG B 202 -5.65 -6.87 18.87
N ALA B 203 -6.96 -7.08 18.80
CA ALA B 203 -7.64 -8.10 19.61
C ALA B 203 -7.94 -9.30 18.72
N MET B 204 -7.69 -10.51 19.23
CA MET B 204 -7.84 -11.71 18.41
C MET B 204 -9.31 -11.98 18.11
N SER B 205 -9.63 -12.18 16.84
CA SER B 205 -10.99 -12.56 16.40
C SER B 205 -11.12 -14.03 16.00
N ASP B 206 -9.98 -14.71 15.82
CA ASP B 206 -9.94 -16.07 15.29
C ASP B 206 -8.51 -16.60 15.43
N LYS B 207 -8.32 -17.86 15.09
CA LYS B 207 -7.01 -18.51 15.18
C LYS B 207 -6.38 -18.83 13.82
N ALA B 208 -6.91 -18.20 12.76
CA ALA B 208 -6.28 -18.22 11.43
C ALA B 208 -6.05 -19.61 10.83
N GLY B 209 -6.87 -20.58 11.25
CA GLY B 209 -6.78 -21.95 10.76
C GLY B 209 -8.06 -22.36 10.08
N GLU B 210 -8.37 -23.66 10.14
CA GLU B 210 -9.61 -24.19 9.58
C GLU B 210 -10.80 -23.47 10.23
N LYS B 211 -11.73 -23.02 9.38
CA LYS B 211 -12.93 -22.31 9.81
C LYS B 211 -12.69 -21.00 10.56
N ALA B 212 -11.55 -20.35 10.31
CA ALA B 212 -11.28 -19.02 10.88
C ALA B 212 -12.29 -17.98 10.42
N GLU B 213 -12.78 -18.10 9.19
CA GLU B 213 -13.81 -17.20 8.67
C GLU B 213 -15.08 -17.18 9.53
N PHE B 214 -15.45 -18.34 10.08
CA PHE B 214 -16.63 -18.45 10.94
C PHE B 214 -16.39 -17.83 12.31
N ASP B 215 -15.22 -18.09 12.89
CA ASP B 215 -14.83 -17.46 14.16
C ASP B 215 -14.75 -15.95 13.99
N PHE B 216 -14.14 -15.49 12.90
CA PHE B 216 -14.08 -14.06 12.63
C PHE B 216 -15.49 -13.43 12.66
N ASP B 217 -16.41 -14.02 11.91
CA ASP B 217 -17.79 -13.52 11.84
C ASP B 217 -18.44 -13.45 13.23
N GLU B 218 -18.23 -14.50 14.04
CA GLU B 218 -18.82 -14.56 15.38
C GLU B 218 -18.23 -13.57 16.38
N PHE B 219 -16.93 -13.31 16.29
CA PHE B 219 -16.21 -12.56 17.33
C PHE B 219 -15.70 -11.16 16.94
N VAL B 220 -15.79 -10.78 15.66
CA VAL B 220 -15.25 -9.47 15.23
C VAL B 220 -15.84 -8.27 15.99
N ILE B 221 -17.16 -8.22 16.15
CA ILE B 221 -17.80 -7.08 16.81
C ILE B 221 -17.26 -6.90 18.23
N ASN B 222 -17.22 -7.98 19.02
CA ASN B 222 -16.78 -7.90 20.42
C ASN B 222 -15.28 -7.62 20.53
N SER B 223 -14.47 -8.34 19.75
CA SER B 223 -13.02 -8.13 19.79
C SER B 223 -12.64 -6.71 19.36
N ALA B 224 -13.33 -6.19 18.36
CA ALA B 224 -13.13 -4.80 17.90
C ALA B 224 -13.40 -3.78 19.01
N LYS B 225 -14.44 -4.02 19.81
CA LYS B 225 -14.77 -3.13 20.94
C LYS B 225 -13.69 -3.11 22.02
N ILE B 226 -13.07 -4.27 22.26
CA ILE B 226 -12.02 -4.40 23.27
C ILE B 226 -10.80 -3.56 22.89
N SER B 227 -10.36 -3.71 21.64
CA SER B 227 -9.23 -2.93 21.14
C SER B 227 -9.55 -1.43 21.12
N ALA B 228 -10.75 -1.10 20.65
CA ALA B 228 -11.19 0.30 20.56
C ALA B 228 -11.20 0.99 21.93
N ASN B 229 -11.74 0.31 22.94
CA ASN B 229 -11.75 0.85 24.31
C ASN B 229 -10.34 1.16 24.77
N PHE B 230 -9.42 0.23 24.54
CA PHE B 230 -8.04 0.37 25.01
C PHE B 230 -7.32 1.58 24.42
N VAL B 231 -7.41 1.77 23.10
CA VAL B 231 -6.76 2.94 22.47
C VAL B 231 -7.35 4.26 22.95
N LEU B 232 -8.65 4.29 23.23
CA LEU B 232 -9.27 5.51 23.76
C LEU B 232 -8.76 5.84 25.17
N LYS B 233 -8.51 4.81 25.98
CA LYS B 233 -7.87 5.00 27.29
C LYS B 233 -6.43 5.49 27.19
N MET B 234 -5.72 5.07 26.15
CA MET B 234 -4.36 5.58 25.89
C MET B 234 -4.36 7.08 25.56
N CYS B 235 -5.37 7.54 24.83
CA CYS B 235 -5.51 8.97 24.49
C CYS B 235 -5.56 9.88 25.71
N GLU B 236 -6.15 9.38 26.80
CA GLU B 236 -6.24 10.11 28.07
C GLU B 236 -4.87 10.42 28.67
N LYS B 237 -3.95 9.47 28.55
CA LYS B 237 -2.61 9.58 29.13
C LYS B 237 -1.62 10.31 28.22
N LEU B 238 -1.98 10.52 26.95
CA LEU B 238 -1.20 11.40 26.06
C LEU B 238 -1.52 12.84 26.39
#